data_8R31
#
_entry.id   8R31
#
_cell.length_a   44.490
_cell.length_b   45.580
_cell.length_c   117.650
_cell.angle_alpha   90.000
_cell.angle_beta   90.000
_cell.angle_gamma   90.000
#
_symmetry.space_group_name_H-M   'P 21 21 21'
#
loop_
_entity.id
_entity.type
_entity.pdbx_description
1 polymer Beta-lactamase
2 non-polymer 4-chloranyl-N-[[(3S)-1-oxidanyl-3H-2,1$l^{4}-benzoxaborol-3-yl]methyl]benzenesulfonamide
3 non-polymer 'SULFATE ION'
4 non-polymer 'CHLORIDE ION'
5 non-polymer 'SODIUM ION'
6 water water
#
_entity_poly.entity_id   1
_entity_poly.type   'polypeptide(L)'
_entity_poly.pdbx_seq_one_letter_code
;GPQTADVQQKLAELERQSGGRLGVALINTADNSQILYRADERFAMCSTSKVMAAAAVLKKSESEPNLLNQRVEIKKSDLV
NYNPIAEKHVNGTMSLAELSAAALQYSDNVAMNKLIAHVGGPASVTAFARQLGDETFRLDRTEPTLNTAIPGDPRDTTSP
RAMAQTLRNLTLGKALGDSQRAQLVTWMKGNTTGAASIQAGLPASWVVGDKTGSGGYGTTNDIAVIWPKDRAPLILVTYF
TQPQPKAESRRDVLASAAKIVTDGL
;
_entity_poly.pdbx_strand_id   A
#
# COMPACT_ATOMS: atom_id res chain seq x y z
N THR A 4 -6.00 -24.10 3.77
CA THR A 4 -5.38 -24.98 4.76
C THR A 4 -5.72 -24.48 6.17
N ALA A 5 -6.18 -25.39 7.02
CA ALA A 5 -6.36 -25.03 8.41
C ALA A 5 -5.01 -24.86 9.09
N ASP A 6 -3.98 -25.53 8.57
CA ASP A 6 -2.65 -25.39 9.17
C ASP A 6 -2.12 -23.98 8.98
N VAL A 7 -2.29 -23.39 7.79
N VAL A 7 -2.29 -23.40 7.79
CA VAL A 7 -1.83 -22.01 7.61
CA VAL A 7 -1.85 -22.02 7.58
C VAL A 7 -2.56 -21.08 8.58
C VAL A 7 -2.55 -21.09 8.56
N GLN A 8 -3.85 -21.33 8.80
CA GLN A 8 -4.60 -20.55 9.77
C GLN A 8 -3.96 -20.67 11.14
N GLN A 9 -3.70 -21.89 11.57
CA GLN A 9 -3.11 -22.09 12.88
C GLN A 9 -1.75 -21.40 12.97
N LYS A 10 -0.97 -21.48 11.89
CA LYS A 10 0.36 -20.87 11.92
C LYS A 10 0.23 -19.35 12.04
N LEU A 11 -0.70 -18.75 11.33
CA LEU A 11 -0.85 -17.30 11.46
C LEU A 11 -1.33 -16.92 12.86
N ALA A 12 -2.22 -17.73 13.45
CA ALA A 12 -2.66 -17.46 14.81
C ALA A 12 -1.48 -17.53 15.77
N GLU A 13 -0.60 -18.52 15.60
CA GLU A 13 0.56 -18.63 16.46
C GLU A 13 1.52 -17.46 16.28
N LEU A 14 1.74 -17.03 15.03
CA LEU A 14 2.52 -15.82 14.81
C LEU A 14 1.91 -14.62 15.52
N GLU A 15 0.60 -14.42 15.35
CA GLU A 15 -0.02 -13.26 15.97
C GLU A 15 0.14 -13.30 17.48
N ARG A 16 -0.11 -14.47 18.08
CA ARG A 16 0.00 -14.63 19.52
C ARG A 16 1.40 -14.27 20.00
N GLN A 17 2.42 -14.84 19.36
CA GLN A 17 3.78 -14.58 19.78
C GLN A 17 4.16 -13.11 19.56
N SER A 18 3.62 -12.47 18.51
CA SER A 18 3.99 -11.10 18.20
C SER A 18 3.51 -10.10 19.23
N GLY A 19 2.44 -10.42 19.97
CA GLY A 19 1.90 -9.52 20.95
C GLY A 19 0.90 -8.54 20.40
N GLY A 20 0.73 -8.52 19.09
CA GLY A 20 -0.15 -7.53 18.47
C GLY A 20 -1.33 -8.14 17.76
N ARG A 21 -1.84 -7.40 16.77
CA ARG A 21 -3.00 -7.75 15.95
C ARG A 21 -2.57 -7.80 14.50
N LEU A 22 -2.79 -8.94 13.86
CA LEU A 22 -2.29 -9.23 12.53
C LEU A 22 -3.42 -9.41 11.56
N GLY A 23 -3.29 -8.81 10.37
CA GLY A 23 -4.29 -8.97 9.35
C GLY A 23 -3.64 -9.38 8.05
N VAL A 24 -4.14 -10.44 7.43
CA VAL A 24 -3.52 -10.99 6.22
C VAL A 24 -4.62 -11.29 5.21
N ALA A 25 -4.38 -10.94 3.95
CA ALA A 25 -5.21 -11.41 2.85
C ALA A 25 -4.28 -11.78 1.71
N LEU A 26 -4.27 -13.06 1.32
CA LEU A 26 -3.55 -13.55 0.15
C LEU A 26 -4.58 -13.92 -0.92
N ILE A 27 -4.39 -13.42 -2.15
CA ILE A 27 -5.17 -13.85 -3.31
C ILE A 27 -4.21 -14.58 -4.23
N ASN A 28 -4.52 -15.83 -4.58
CA ASN A 28 -3.67 -16.63 -5.47
C ASN A 28 -4.39 -16.74 -6.80
N THR A 29 -3.89 -16.03 -7.82
CA THR A 29 -4.62 -15.99 -9.07
C THR A 29 -4.44 -17.27 -9.89
N ALA A 30 -3.57 -18.19 -9.46
CA ALA A 30 -3.50 -19.48 -10.12
C ALA A 30 -4.83 -20.22 -10.03
N ASP A 31 -5.52 -20.12 -8.88
CA ASP A 31 -6.75 -20.88 -8.68
C ASP A 31 -7.87 -20.04 -8.10
N ASN A 32 -7.68 -18.73 -8.01
CA ASN A 32 -8.65 -17.78 -7.44
C ASN A 32 -8.95 -18.08 -5.98
N SER A 33 -7.97 -18.61 -5.25
CA SER A 33 -8.15 -18.93 -3.84
C SER A 33 -7.67 -17.76 -2.98
N GLN A 34 -8.07 -17.78 -1.71
CA GLN A 34 -7.67 -16.77 -0.75
C GLN A 34 -7.22 -17.44 0.54
N ILE A 35 -6.28 -16.80 1.23
CA ILE A 35 -5.97 -17.06 2.62
C ILE A 35 -6.23 -15.78 3.40
N LEU A 36 -7.08 -15.87 4.42
CA LEU A 36 -7.56 -14.69 5.12
C LEU A 36 -7.35 -14.85 6.61
N TYR A 37 -6.91 -13.78 7.26
CA TYR A 37 -6.72 -13.80 8.71
C TYR A 37 -7.11 -12.41 9.20
N ARG A 38 -8.20 -12.29 9.96
CA ARG A 38 -8.74 -10.98 10.35
C ARG A 38 -8.90 -10.06 9.14
N ALA A 39 -9.23 -10.64 7.99
CA ALA A 39 -9.20 -9.90 6.72
C ALA A 39 -10.33 -8.89 6.60
N ASP A 40 -11.33 -8.95 7.49
CA ASP A 40 -12.42 -7.98 7.50
C ASP A 40 -12.31 -7.00 8.66
N GLU A 41 -11.24 -7.05 9.43
CA GLU A 41 -11.04 -6.05 10.48
C GLU A 41 -10.33 -4.85 9.88
N ARG A 42 -10.54 -3.70 10.50
CA ARG A 42 -9.89 -2.47 10.03
C ARG A 42 -8.51 -2.32 10.65
N PHE A 43 -7.56 -1.83 9.85
CA PHE A 43 -6.20 -1.48 10.28
C PHE A 43 -5.87 -0.11 9.69
N ALA A 44 -5.12 0.70 10.43
CA ALA A 44 -4.63 1.96 9.88
C ALA A 44 -3.67 1.70 8.74
N MET A 45 -3.94 2.29 7.58
CA MET A 45 -3.16 1.95 6.39
C MET A 45 -1.76 2.55 6.42
N CYS A 46 -1.60 3.68 7.09
CA CYS A 46 -0.36 4.44 7.00
C CYS A 46 0.06 4.59 5.53
N SER A 47 1.35 4.50 5.26
CA SER A 47 1.80 4.82 3.90
C SER A 47 1.31 3.83 2.83
N THR A 48 0.68 2.71 3.20
CA THR A 48 0.15 1.88 2.11
C THR A 48 -0.95 2.60 1.36
N SER A 49 -1.52 3.66 1.96
CA SER A 49 -2.54 4.46 1.30
C SER A 49 -2.00 5.23 0.10
N LYS A 50 -0.67 5.34 -0.04
CA LYS A 50 -0.11 6.11 -1.15
C LYS A 50 -0.40 5.45 -2.50
N VAL A 51 -0.61 4.13 -2.50
CA VAL A 51 -0.98 3.45 -3.73
C VAL A 51 -2.31 4.01 -4.25
N MET A 52 -3.30 4.15 -3.36
N MET A 52 -3.29 4.17 -3.35
CA MET A 52 -4.61 4.64 -3.82
CA MET A 52 -4.60 4.63 -3.83
C MET A 52 -4.50 6.06 -4.34
C MET A 52 -4.52 6.07 -4.32
N ALA A 53 -3.70 6.90 -3.67
CA ALA A 53 -3.56 8.28 -4.12
C ALA A 53 -2.86 8.37 -5.47
N ALA A 54 -1.76 7.64 -5.64
CA ALA A 54 -1.11 7.59 -6.95
C ALA A 54 -2.05 7.04 -8.02
N ALA A 55 -2.83 6.02 -7.68
CA ALA A 55 -3.76 5.45 -8.64
C ALA A 55 -4.83 6.45 -9.02
N ALA A 56 -5.29 7.24 -8.06
CA ALA A 56 -6.27 8.29 -8.37
C ALA A 56 -5.73 9.29 -9.38
N VAL A 57 -4.47 9.71 -9.22
CA VAL A 57 -3.84 10.64 -10.18
C VAL A 57 -3.72 9.97 -11.53
N LEU A 58 -3.24 8.72 -11.54
CA LEU A 58 -3.15 7.99 -12.80
C LEU A 58 -4.49 7.90 -13.52
N LYS A 59 -5.57 7.61 -12.77
N LYS A 59 -5.57 7.61 -12.77
CA LYS A 59 -6.90 7.55 -13.39
CA LYS A 59 -6.89 7.54 -13.39
C LYS A 59 -7.28 8.89 -13.99
C LYS A 59 -7.28 8.89 -13.99
N LYS A 60 -7.10 9.95 -13.24
CA LYS A 60 -7.36 11.30 -13.75
C LYS A 60 -6.59 11.57 -15.02
N SER A 61 -5.36 11.04 -15.12
CA SER A 61 -4.53 11.23 -16.30
C SER A 61 -5.10 10.58 -17.56
N GLU A 62 -5.97 9.58 -17.43
CA GLU A 62 -6.55 8.95 -18.62
C GLU A 62 -7.31 9.96 -19.46
N SER A 63 -7.90 10.96 -18.83
N SER A 63 -7.90 10.97 -18.83
CA SER A 63 -8.64 11.98 -19.57
CA SER A 63 -8.65 12.00 -19.54
C SER A 63 -7.90 13.30 -19.65
C SER A 63 -7.88 13.31 -19.68
N GLU A 64 -6.66 13.38 -19.16
CA GLU A 64 -5.87 14.62 -19.18
C GLU A 64 -4.43 14.24 -19.52
N PRO A 65 -4.09 14.19 -20.81
CA PRO A 65 -2.78 13.62 -21.20
C PRO A 65 -1.58 14.41 -20.73
N ASN A 66 -1.71 15.72 -20.53
CA ASN A 66 -0.59 16.47 -19.98
C ASN A 66 -0.41 16.26 -18.48
N LEU A 67 -1.34 15.56 -17.83
CA LEU A 67 -1.44 15.68 -16.38
C LEU A 67 -0.15 15.30 -15.69
N LEU A 68 0.45 14.17 -16.08
CA LEU A 68 1.61 13.69 -15.34
C LEU A 68 2.82 14.62 -15.49
N ASN A 69 2.84 15.45 -16.53
CA ASN A 69 3.91 16.40 -16.72
C ASN A 69 3.65 17.73 -16.03
N GLN A 70 2.47 17.91 -15.45
CA GLN A 70 2.17 19.17 -14.78
C GLN A 70 3.11 19.39 -13.61
N ARG A 71 3.61 20.61 -13.51
CA ARG A 71 4.57 20.97 -12.47
C ARG A 71 3.87 21.44 -11.20
N VAL A 72 4.43 21.04 -10.05
CA VAL A 72 3.93 21.33 -8.71
C VAL A 72 5.05 21.96 -7.90
N GLU A 73 4.81 23.14 -7.35
CA GLU A 73 5.82 23.83 -6.56
C GLU A 73 6.03 23.11 -5.25
N ILE A 74 7.28 23.04 -4.80
CA ILE A 74 7.63 22.50 -3.49
C ILE A 74 8.18 23.67 -2.67
N LYS A 75 7.48 24.01 -1.58
CA LYS A 75 7.85 25.12 -0.72
C LYS A 75 8.32 24.59 0.63
N LYS A 76 9.14 25.39 1.32
CA LYS A 76 9.51 25.06 2.69
C LYS A 76 8.28 24.77 3.53
N SER A 77 7.20 25.48 3.28
CA SER A 77 5.98 25.30 4.06
C SER A 77 5.32 23.96 3.78
N ASP A 78 5.72 23.26 2.72
CA ASP A 78 5.15 21.94 2.41
C ASP A 78 5.82 20.81 3.18
N LEU A 79 7.03 21.04 3.69
CA LEU A 79 7.76 19.97 4.36
C LEU A 79 6.94 19.43 5.52
N VAL A 80 6.96 18.11 5.69
CA VAL A 80 6.34 17.47 6.85
C VAL A 80 7.43 16.66 7.54
N ASN A 81 7.17 15.39 7.88
CA ASN A 81 8.05 14.64 8.76
C ASN A 81 8.91 13.60 8.05
N TYR A 82 8.82 13.51 6.72
CA TYR A 82 9.55 12.48 5.98
C TYR A 82 9.51 12.88 4.51
N ASN A 83 10.58 13.55 4.07
CA ASN A 83 10.57 14.27 2.79
C ASN A 83 11.85 13.98 2.02
N PRO A 84 12.24 12.70 1.91
CA PRO A 84 13.57 12.39 1.36
C PRO A 84 13.82 12.93 -0.05
N ILE A 85 12.79 12.99 -0.88
CA ILE A 85 12.91 13.49 -2.24
C ILE A 85 12.54 14.97 -2.29
N ALA A 86 11.43 15.33 -1.66
CA ALA A 86 10.93 16.70 -1.77
C ALA A 86 11.88 17.69 -1.13
N GLU A 87 12.54 17.32 -0.02
CA GLU A 87 13.47 18.24 0.60
C GLU A 87 14.58 18.64 -0.35
N LYS A 88 14.81 17.87 -1.40
CA LYS A 88 15.84 18.21 -2.39
C LYS A 88 15.34 19.15 -3.49
N HIS A 89 14.04 19.41 -3.57
CA HIS A 89 13.47 20.24 -4.62
C HIS A 89 12.75 21.46 -4.05
N VAL A 90 13.05 21.82 -2.81
CA VAL A 90 12.44 23.01 -2.21
C VAL A 90 12.76 24.22 -3.07
N ASN A 91 11.73 25.01 -3.38
CA ASN A 91 11.83 26.25 -4.18
C ASN A 91 11.94 25.96 -5.67
N GLY A 92 11.79 24.69 -6.06
CA GLY A 92 11.55 24.32 -7.44
C GLY A 92 10.22 23.61 -7.59
N THR A 93 9.99 23.00 -8.74
CA THR A 93 8.80 22.20 -8.99
C THR A 93 9.21 20.75 -9.25
N MET A 94 8.26 19.84 -8.99
CA MET A 94 8.34 18.45 -9.42
C MET A 94 7.10 18.14 -10.25
N SER A 95 7.23 17.27 -11.24
CA SER A 95 6.06 16.84 -11.98
C SER A 95 5.19 15.88 -11.14
N LEU A 96 3.93 15.76 -11.53
CA LEU A 96 3.09 14.78 -10.88
C LEU A 96 3.58 13.33 -11.07
N ALA A 97 4.22 13.03 -12.20
CA ALA A 97 4.89 11.73 -12.34
C ALA A 97 5.98 11.57 -11.30
N GLU A 98 6.84 12.58 -11.16
CA GLU A 98 7.90 12.53 -10.14
C GLU A 98 7.32 12.40 -8.74
N LEU A 99 6.26 13.16 -8.43
CA LEU A 99 5.67 13.05 -7.09
C LEU A 99 5.07 11.67 -6.87
N SER A 100 4.41 11.11 -7.89
CA SER A 100 3.86 9.77 -7.77
C SER A 100 4.96 8.76 -7.47
N ALA A 101 6.03 8.81 -8.27
CA ALA A 101 7.16 7.91 -8.04
C ALA A 101 7.79 8.13 -6.67
N ALA A 102 7.89 9.37 -6.22
CA ALA A 102 8.50 9.64 -4.93
C ALA A 102 7.64 9.08 -3.82
N ALA A 103 6.33 9.23 -3.96
CA ALA A 103 5.42 8.70 -2.94
C ALA A 103 5.49 7.18 -2.90
N LEU A 104 5.55 6.53 -4.05
CA LEU A 104 5.47 5.08 -4.11
C LEU A 104 6.79 4.40 -3.79
N GLN A 105 7.90 5.02 -4.16
CA GLN A 105 9.20 4.36 -4.14
C GLN A 105 10.09 4.81 -2.99
N TYR A 106 9.86 6.02 -2.47
CA TYR A 106 10.56 6.49 -1.30
C TYR A 106 9.60 6.83 -0.16
N SER A 107 8.30 6.66 -0.36
CA SER A 107 7.30 6.92 0.67
C SER A 107 7.37 8.37 1.14
N ASP A 108 7.68 9.28 0.21
CA ASP A 108 7.80 10.69 0.53
C ASP A 108 6.44 11.24 0.91
N ASN A 109 6.36 11.90 2.09
CA ASN A 109 5.08 12.38 2.60
C ASN A 109 4.65 13.70 1.97
N VAL A 110 5.59 14.53 1.52
CA VAL A 110 5.21 15.73 0.76
C VAL A 110 4.57 15.30 -0.55
N ALA A 111 5.21 14.34 -1.23
CA ALA A 111 4.68 13.80 -2.47
C ALA A 111 3.25 13.31 -2.30
N MET A 112 2.98 12.56 -1.23
CA MET A 112 1.61 12.11 -0.94
C MET A 112 0.66 13.30 -0.79
N ASN A 113 1.06 14.33 -0.05
CA ASN A 113 0.17 15.47 0.15
C ASN A 113 -0.13 16.18 -1.17
N LYS A 114 0.84 16.23 -2.08
CA LYS A 114 0.57 16.85 -3.38
C LYS A 114 -0.38 16.00 -4.21
N LEU A 115 -0.23 14.68 -4.18
CA LEU A 115 -1.18 13.82 -4.90
C LEU A 115 -2.57 14.01 -4.33
N ILE A 116 -2.68 13.97 -3.00
CA ILE A 116 -3.95 14.19 -2.35
C ILE A 116 -4.54 15.53 -2.77
N ALA A 117 -3.75 16.61 -2.66
CA ALA A 117 -4.29 17.92 -2.99
C ALA A 117 -4.76 17.97 -4.44
N HIS A 118 -3.97 17.38 -5.32
CA HIS A 118 -4.26 17.50 -6.73
C HIS A 118 -5.60 16.88 -7.07
N VAL A 119 -5.94 15.75 -6.45
CA VAL A 119 -7.18 15.07 -6.85
C VAL A 119 -8.39 15.57 -6.07
N GLY A 120 -8.20 16.44 -5.09
CA GLY A 120 -9.31 17.04 -4.39
C GLY A 120 -9.37 16.73 -2.91
N GLY A 121 -8.34 16.14 -2.33
CA GLY A 121 -8.34 15.89 -0.91
C GLY A 121 -8.72 14.46 -0.56
N PRO A 122 -8.65 14.13 0.74
CA PRO A 122 -8.83 12.73 1.13
C PRO A 122 -10.19 12.16 0.75
N ALA A 123 -11.25 12.97 0.77
CA ALA A 123 -12.55 12.45 0.38
C ALA A 123 -12.61 12.13 -1.11
N SER A 124 -11.80 12.80 -1.92
CA SER A 124 -11.75 12.45 -3.34
CA SER A 124 -11.75 12.46 -3.34
C SER A 124 -10.98 11.16 -3.56
N VAL A 125 -9.91 10.95 -2.79
CA VAL A 125 -9.23 9.66 -2.90
C VAL A 125 -10.20 8.55 -2.49
N THR A 126 -10.99 8.80 -1.44
CA THR A 126 -11.98 7.82 -1.00
C THR A 126 -13.05 7.61 -2.06
N ALA A 127 -13.51 8.67 -2.71
CA ALA A 127 -14.52 8.52 -3.74
C ALA A 127 -13.99 7.71 -4.91
N PHE A 128 -12.69 7.81 -5.18
CA PHE A 128 -12.08 7.01 -6.23
C PHE A 128 -12.12 5.53 -5.88
N ALA A 129 -11.72 5.18 -4.66
CA ALA A 129 -11.89 3.82 -4.17
C ALA A 129 -13.32 3.35 -4.41
N ARG A 130 -14.32 4.16 -4.03
CA ARG A 130 -15.71 3.72 -4.18
C ARG A 130 -16.01 3.44 -5.64
N GLN A 131 -15.51 4.32 -6.53
CA GLN A 131 -15.73 4.14 -7.96
C GLN A 131 -15.21 2.81 -8.46
N LEU A 132 -14.16 2.28 -7.84
CA LEU A 132 -13.57 0.99 -8.19
C LEU A 132 -14.29 -0.19 -7.55
N GLY A 133 -15.31 0.06 -6.72
CA GLY A 133 -15.95 -1.01 -6.01
C GLY A 133 -15.39 -1.32 -4.65
N ASP A 134 -14.53 -0.46 -4.10
CA ASP A 134 -14.01 -0.65 -2.75
C ASP A 134 -14.84 0.23 -1.80
N GLU A 135 -15.70 -0.38 -1.00
CA GLU A 135 -16.56 0.35 -0.09
C GLU A 135 -16.03 0.31 1.34
N THR A 136 -14.77 -0.08 1.50
CA THR A 136 -14.14 -0.22 2.82
C THR A 136 -13.08 0.83 3.06
N PHE A 137 -12.20 1.03 2.09
CA PHE A 137 -11.15 2.03 2.14
C PHE A 137 -11.70 3.39 2.58
N ARG A 138 -11.05 4.00 3.57
CA ARG A 138 -11.30 5.41 3.85
C ARG A 138 -9.99 6.15 4.11
N LEU A 139 -9.79 7.24 3.37
CA LEU A 139 -8.70 8.17 3.60
C LEU A 139 -9.35 9.44 4.13
N ASP A 140 -8.97 9.81 5.35
CA ASP A 140 -9.61 10.85 6.15
C ASP A 140 -8.76 12.09 6.27
N ARG A 141 -7.45 11.91 6.39
CA ARG A 141 -6.52 12.96 6.75
C ARG A 141 -5.38 12.98 5.74
N THR A 142 -4.62 14.08 5.82
CA THR A 142 -3.40 14.28 5.08
C THR A 142 -2.19 13.80 5.88
N GLU A 143 -1.00 13.90 5.25
CA GLU A 143 0.23 13.62 6.00
C GLU A 143 0.60 14.84 6.84
N PRO A 144 1.15 14.66 8.05
CA PRO A 144 1.52 13.36 8.61
C PRO A 144 0.48 12.75 9.55
N THR A 145 -0.66 13.39 9.78
CA THR A 145 -1.58 12.94 10.83
C THR A 145 -2.32 11.64 10.46
N LEU A 146 -2.34 11.24 9.19
CA LEU A 146 -3.10 10.04 8.85
C LEU A 146 -2.46 8.76 9.41
N ASN A 147 -1.28 8.88 10.04
CA ASN A 147 -0.55 7.74 10.57
C ASN A 147 -0.68 7.54 12.07
N THR A 148 -1.59 8.24 12.76
CA THR A 148 -1.66 8.10 14.22
C THR A 148 -2.00 6.67 14.65
N ALA A 149 -2.81 5.96 13.87
CA ALA A 149 -3.09 4.53 14.08
C ALA A 149 -3.56 4.20 15.49
N ILE A 150 -4.44 5.04 16.01
CA ILE A 150 -4.95 4.84 17.38
C ILE A 150 -5.88 3.62 17.39
N PRO A 151 -5.71 2.68 18.31
CA PRO A 151 -6.65 1.55 18.39
C PRO A 151 -8.07 2.05 18.57
N GLY A 152 -8.98 1.47 17.79
CA GLY A 152 -10.38 1.89 17.81
C GLY A 152 -10.73 3.00 16.85
N ASP A 153 -9.75 3.68 16.27
CA ASP A 153 -10.01 4.83 15.41
C ASP A 153 -10.20 4.36 13.97
N PRO A 154 -11.35 4.59 13.34
CA PRO A 154 -11.53 4.10 11.96
C PRO A 154 -10.91 4.99 10.91
N ARG A 155 -10.42 6.16 11.28
CA ARG A 155 -9.88 7.05 10.27
C ARG A 155 -8.69 6.43 9.55
N ASP A 156 -8.66 6.62 8.23
CA ASP A 156 -7.47 6.24 7.45
C ASP A 156 -7.20 4.74 7.59
N THR A 157 -8.28 3.97 7.59
CA THR A 157 -8.22 2.53 7.68
C THR A 157 -8.82 1.85 6.45
N THR A 158 -8.48 0.57 6.32
CA THR A 158 -9.17 -0.36 5.44
C THR A 158 -8.95 -1.74 6.02
N SER A 159 -9.55 -2.75 5.37
CA SER A 159 -9.39 -4.14 5.80
C SER A 159 -8.40 -4.83 4.87
N PRO A 160 -7.78 -5.94 5.30
CA PRO A 160 -6.92 -6.67 4.36
C PRO A 160 -7.63 -7.21 3.13
N ARG A 161 -8.83 -7.77 3.28
CA ARG A 161 -9.57 -8.30 2.15
C ARG A 161 -9.82 -7.20 1.11
N ALA A 162 -10.29 -6.04 1.56
CA ALA A 162 -10.60 -4.97 0.62
C ALA A 162 -9.34 -4.46 -0.09
N MET A 163 -8.25 -4.29 0.64
N MET A 163 -8.25 -4.29 0.64
CA MET A 163 -7.06 -3.75 -0.01
CA MET A 163 -7.06 -3.75 -0.01
C MET A 163 -6.44 -4.75 -0.97
C MET A 163 -6.45 -4.76 -0.98
N ALA A 164 -6.54 -6.05 -0.65
CA ALA A 164 -6.02 -7.07 -1.57
C ALA A 164 -6.87 -7.11 -2.83
N GLN A 165 -8.18 -7.06 -2.67
CA GLN A 165 -9.04 -7.06 -3.85
C GLN A 165 -8.82 -5.81 -4.67
N THR A 166 -8.68 -4.66 -4.02
CA THR A 166 -8.45 -3.42 -4.77
C THR A 166 -7.06 -3.44 -5.41
N LEU A 167 -6.05 -3.95 -4.71
CA LEU A 167 -4.72 -3.98 -5.34
C LEU A 167 -4.72 -4.91 -6.53
N ARG A 168 -5.50 -6.00 -6.47
N ARG A 168 -5.47 -6.02 -6.45
CA ARG A 168 -5.57 -6.89 -7.62
CA ARG A 168 -5.60 -6.90 -7.60
C ARG A 168 -6.21 -6.19 -8.81
C ARG A 168 -6.17 -6.14 -8.78
N ASN A 169 -7.29 -5.45 -8.57
CA ASN A 169 -7.91 -4.67 -9.64
C ASN A 169 -6.94 -3.64 -10.23
N LEU A 170 -6.16 -2.99 -9.37
CA LEU A 170 -5.28 -1.92 -9.84
C LEU A 170 -4.08 -2.46 -10.61
N THR A 171 -3.49 -3.56 -10.16
CA THR A 171 -2.24 -4.00 -10.75
C THR A 171 -2.40 -5.13 -11.74
N LEU A 172 -3.40 -5.98 -11.56
CA LEU A 172 -3.66 -7.12 -12.44
C LEU A 172 -4.97 -7.02 -13.22
N GLY A 173 -5.92 -6.25 -12.73
CA GLY A 173 -7.18 -6.04 -13.40
C GLY A 173 -7.15 -4.80 -14.27
N LYS A 174 -8.35 -4.25 -14.51
CA LYS A 174 -8.54 -3.21 -15.50
C LYS A 174 -9.07 -1.93 -14.90
N ALA A 175 -8.85 -1.72 -13.60
CA ALA A 175 -9.21 -0.44 -13.00
C ALA A 175 -8.60 0.73 -13.76
N LEU A 176 -7.36 0.60 -14.20
CA LEU A 176 -6.58 1.62 -14.88
C LEU A 176 -6.37 1.24 -16.34
N GLY A 177 -6.25 2.24 -17.20
CA GLY A 177 -5.87 1.98 -18.57
C GLY A 177 -4.54 1.25 -18.65
N ASP A 178 -4.28 0.65 -19.81
CA ASP A 178 -3.09 -0.19 -19.95
C ASP A 178 -1.82 0.61 -19.66
N SER A 179 -1.70 1.82 -20.20
CA SER A 179 -0.50 2.61 -19.92
C SER A 179 -0.37 2.89 -18.43
N GLN A 180 -1.48 3.22 -17.79
CA GLN A 180 -1.46 3.64 -16.41
C GLN A 180 -1.22 2.46 -15.48
N ARG A 181 -1.81 1.31 -15.80
CA ARG A 181 -1.57 0.12 -15.00
CA ARG A 181 -1.57 0.12 -15.00
C ARG A 181 -0.11 -0.28 -15.06
N ALA A 182 0.46 -0.29 -16.25
CA ALA A 182 1.88 -0.60 -16.40
C ALA A 182 2.70 0.37 -15.59
N GLN A 183 2.33 1.65 -15.60
CA GLN A 183 3.11 2.64 -14.86
C GLN A 183 3.06 2.37 -13.37
N LEU A 184 1.88 2.07 -12.85
CA LEU A 184 1.76 1.78 -11.42
C LEU A 184 2.64 0.61 -11.05
N VAL A 185 2.59 -0.45 -11.85
CA VAL A 185 3.33 -1.66 -11.54
C VAL A 185 4.82 -1.41 -11.65
N THR A 186 5.25 -0.68 -12.67
CA THR A 186 6.65 -0.31 -12.78
C THR A 186 7.10 0.50 -11.57
N TRP A 187 6.31 1.46 -11.12
CA TRP A 187 6.66 2.22 -9.93
C TRP A 187 6.79 1.32 -8.70
N MET A 188 5.82 0.43 -8.49
CA MET A 188 5.85 -0.41 -7.29
C MET A 188 7.02 -1.40 -7.35
N LYS A 189 7.34 -1.93 -8.54
CA LYS A 189 8.49 -2.83 -8.65
C LYS A 189 9.80 -2.14 -8.33
N GLY A 190 9.84 -0.83 -8.44
CA GLY A 190 11.00 -0.04 -8.10
C GLY A 190 10.97 0.52 -6.70
N ASN A 191 10.02 0.10 -5.87
CA ASN A 191 10.00 0.56 -4.49
C ASN A 191 11.34 0.30 -3.83
N THR A 192 11.81 1.25 -3.02
CA THR A 192 13.04 1.07 -2.29
C THR A 192 12.86 0.71 -0.82
N THR A 193 11.64 0.69 -0.31
CA THR A 193 11.41 0.63 1.13
C THR A 193 10.94 -0.73 1.63
N GLY A 194 10.90 -1.75 0.77
CA GLY A 194 10.21 -2.97 1.15
C GLY A 194 11.04 -4.20 1.44
N ALA A 195 12.38 -4.08 1.41
CA ALA A 195 13.19 -5.29 1.42
C ALA A 195 13.05 -6.07 2.72
N ALA A 196 12.73 -5.41 3.82
CA ALA A 196 12.62 -6.08 5.11
C ALA A 196 11.23 -6.62 5.40
N SER A 197 10.28 -6.39 4.49
CA SER A 197 8.89 -6.73 4.79
C SER A 197 8.47 -7.99 4.05
N ILE A 198 7.41 -7.94 3.24
CA ILE A 198 6.94 -9.14 2.54
C ILE A 198 8.09 -9.80 1.78
N GLN A 199 8.92 -8.98 1.12
CA GLN A 199 10.01 -9.53 0.31
C GLN A 199 10.94 -10.41 1.14
N ALA A 200 11.11 -10.11 2.43
CA ALA A 200 12.07 -10.87 3.23
C ALA A 200 11.56 -12.26 3.57
N GLY A 201 10.26 -12.52 3.40
CA GLY A 201 9.67 -13.84 3.57
C GLY A 201 9.46 -14.65 2.31
N LEU A 202 9.96 -14.19 1.15
CA LEU A 202 9.78 -14.88 -0.11
C LEU A 202 11.12 -15.27 -0.69
N PRO A 203 11.19 -16.29 -1.54
CA PRO A 203 12.45 -16.63 -2.20
C PRO A 203 13.03 -15.39 -2.89
N ALA A 204 14.35 -15.32 -2.93
CA ALA A 204 15.01 -14.22 -3.60
C ALA A 204 14.67 -14.12 -5.09
N SER A 205 14.31 -15.22 -5.72
CA SER A 205 14.07 -15.18 -7.16
C SER A 205 12.76 -14.49 -7.52
N TRP A 206 11.87 -14.29 -6.57
CA TRP A 206 10.54 -13.80 -6.89
C TRP A 206 10.55 -12.29 -7.05
N VAL A 207 9.77 -11.81 -8.00
CA VAL A 207 9.67 -10.39 -8.29
C VAL A 207 8.48 -9.83 -7.52
N VAL A 208 8.69 -8.69 -6.87
CA VAL A 208 7.70 -8.10 -6.00
C VAL A 208 7.57 -6.61 -6.33
N GLY A 209 6.33 -6.12 -6.31
CA GLY A 209 6.03 -4.70 -6.34
C GLY A 209 5.21 -4.45 -5.08
N ASP A 210 5.72 -3.65 -4.16
CA ASP A 210 5.06 -3.48 -2.88
C ASP A 210 5.08 -2.01 -2.46
N LYS A 211 4.20 -1.71 -1.50
CA LYS A 211 4.19 -0.43 -0.79
C LYS A 211 4.10 -0.71 0.71
N THR A 212 5.10 -0.29 1.44
CA THR A 212 5.06 -0.45 2.90
C THR A 212 4.29 0.68 3.57
N GLY A 213 3.99 0.45 4.84
CA GLY A 213 3.47 1.52 5.69
C GLY A 213 3.90 1.30 7.12
N SER A 214 4.10 2.41 7.84
CA SER A 214 4.33 2.30 9.28
C SER A 214 3.84 3.55 9.97
N GLY A 215 3.51 3.42 11.25
CA GLY A 215 3.01 4.57 11.98
C GLY A 215 2.89 4.33 13.47
N GLY A 216 1.98 5.05 14.13
CA GLY A 216 1.84 4.93 15.56
C GLY A 216 1.42 3.53 15.98
N TYR A 217 1.58 3.25 17.28
CA TYR A 217 1.29 1.93 17.84
C TYR A 217 2.03 0.82 17.09
N GLY A 218 3.27 1.11 16.72
CA GLY A 218 4.10 0.13 16.03
C GLY A 218 3.44 -0.50 14.83
N THR A 219 2.55 0.26 14.17
CA THR A 219 1.87 -0.26 13.01
C THR A 219 2.89 -0.47 11.91
N THR A 220 2.89 -1.67 11.33
CA THR A 220 3.87 -2.09 10.33
C THR A 220 3.11 -2.86 9.25
N ASN A 221 3.11 -2.35 8.01
CA ASN A 221 2.21 -2.81 6.96
C ASN A 221 2.98 -3.01 5.66
N ASP A 222 2.45 -3.87 4.79
CA ASP A 222 2.99 -4.01 3.44
C ASP A 222 1.89 -4.59 2.56
N ILE A 223 1.81 -4.10 1.33
CA ILE A 223 0.87 -4.63 0.34
C ILE A 223 1.64 -4.84 -0.94
N ALA A 224 1.39 -5.97 -1.61
CA ALA A 224 2.27 -6.34 -2.69
C ALA A 224 1.54 -7.10 -3.78
N VAL A 225 2.04 -6.93 -5.00
CA VAL A 225 1.76 -7.82 -6.11
C VAL A 225 3.03 -8.64 -6.33
N ILE A 226 2.89 -9.95 -6.46
CA ILE A 226 4.02 -10.88 -6.45
C ILE A 226 3.96 -11.78 -7.67
N TRP A 227 5.07 -11.83 -8.41
CA TRP A 227 5.26 -12.76 -9.50
C TRP A 227 6.22 -13.85 -9.08
N PRO A 228 5.73 -14.99 -8.63
CA PRO A 228 6.62 -16.09 -8.26
C PRO A 228 7.26 -16.67 -9.50
N LYS A 229 8.39 -17.33 -9.30
CA LYS A 229 9.06 -17.96 -10.42
C LYS A 229 8.12 -18.99 -11.05
N ASP A 230 7.87 -18.83 -12.35
CA ASP A 230 7.02 -19.73 -13.14
C ASP A 230 5.65 -20.03 -12.51
N ARG A 231 5.01 -19.01 -11.93
CA ARG A 231 3.68 -19.21 -11.39
CA ARG A 231 3.70 -19.19 -11.34
C ARG A 231 2.84 -17.97 -11.65
N ALA A 232 1.52 -18.15 -11.51
CA ALA A 232 0.59 -17.05 -11.65
C ALA A 232 0.80 -16.08 -10.49
N PRO A 233 0.50 -14.81 -10.69
CA PRO A 233 0.81 -13.81 -9.67
C PRO A 233 -0.07 -13.95 -8.43
N LEU A 234 0.47 -13.43 -7.34
CA LEU A 234 -0.22 -13.33 -6.06
C LEU A 234 -0.42 -11.86 -5.70
N ILE A 235 -1.47 -11.60 -4.93
CA ILE A 235 -1.61 -10.36 -4.19
C ILE A 235 -1.54 -10.70 -2.69
N LEU A 236 -0.78 -9.89 -1.95
CA LEU A 236 -0.64 -10.16 -0.51
C LEU A 236 -0.69 -8.85 0.25
N VAL A 237 -1.59 -8.79 1.23
CA VAL A 237 -1.68 -7.70 2.19
C VAL A 237 -1.34 -8.26 3.55
N THR A 238 -0.36 -7.65 4.21
CA THR A 238 0.00 -7.96 5.59
C THR A 238 -0.03 -6.67 6.41
N TYR A 239 -0.93 -6.61 7.41
CA TYR A 239 -1.17 -5.45 8.23
C TYR A 239 -0.88 -5.86 9.67
N PHE A 240 -0.21 -5.01 10.42
CA PHE A 240 0.13 -5.36 11.79
C PHE A 240 0.17 -4.10 12.65
N THR A 241 -0.37 -4.20 13.87
CA THR A 241 -0.36 -3.08 14.82
C THR A 241 -0.35 -3.63 16.24
N GLN A 242 0.07 -2.79 17.19
CA GLN A 242 0.47 -3.22 18.51
C GLN A 242 -0.22 -2.42 19.60
N PRO A 243 -0.16 -2.91 20.85
CA PRO A 243 -0.91 -2.25 21.93
C PRO A 243 -0.29 -0.96 22.46
N GLN A 244 1.03 -0.80 22.32
CA GLN A 244 1.70 0.33 22.97
C GLN A 244 1.87 1.49 22.00
N PRO A 245 1.62 2.73 22.42
CA PRO A 245 1.76 3.86 21.49
C PRO A 245 3.14 3.96 20.88
N LYS A 246 4.21 3.66 21.63
CA LYS A 246 5.55 3.82 21.10
C LYS A 246 6.22 2.49 20.76
N ALA A 247 5.41 1.46 20.52
CA ALA A 247 5.97 0.18 20.09
C ALA A 247 6.83 0.37 18.85
N GLU A 248 7.90 -0.43 18.76
CA GLU A 248 8.74 -0.36 17.58
C GLU A 248 8.20 -1.19 16.43
N SER A 249 8.61 -0.84 15.22
CA SER A 249 8.18 -1.57 14.04
C SER A 249 8.58 -3.04 14.12
N ARG A 250 7.76 -3.89 13.48
CA ARG A 250 7.99 -5.33 13.45
C ARG A 250 7.85 -5.82 11.99
N ARG A 251 8.78 -5.39 11.15
CA ARG A 251 8.73 -5.86 9.76
C ARG A 251 8.93 -7.36 9.69
N ASP A 252 9.65 -7.95 10.66
CA ASP A 252 9.85 -9.39 10.66
C ASP A 252 8.54 -10.16 10.77
N VAL A 253 7.54 -9.56 11.44
CA VAL A 253 6.22 -10.18 11.50
C VAL A 253 5.58 -10.27 10.11
N LEU A 254 5.76 -9.25 9.29
CA LEU A 254 5.23 -9.32 7.94
C LEU A 254 6.01 -10.32 7.09
N ALA A 255 7.33 -10.38 7.24
CA ALA A 255 8.10 -11.38 6.50
C ALA A 255 7.65 -12.79 6.90
N SER A 256 7.39 -13.00 8.19
CA SER A 256 6.94 -14.31 8.68
C SER A 256 5.56 -14.65 8.14
N ALA A 257 4.64 -13.70 8.11
CA ALA A 257 3.33 -13.98 7.54
C ALA A 257 3.44 -14.32 6.06
N ALA A 258 4.27 -13.57 5.33
CA ALA A 258 4.48 -13.87 3.92
C ALA A 258 5.01 -15.29 3.73
N LYS A 259 6.02 -15.67 4.54
N LYS A 259 6.02 -15.67 4.54
CA LYS A 259 6.56 -17.01 4.45
CA LYS A 259 6.55 -17.01 4.44
C LYS A 259 5.50 -18.06 4.74
C LYS A 259 5.48 -18.05 4.73
N ILE A 260 4.66 -17.83 5.75
CA ILE A 260 3.66 -18.82 6.12
C ILE A 260 2.65 -19.02 5.01
N VAL A 261 2.21 -17.95 4.35
CA VAL A 261 1.08 -18.12 3.42
C VAL A 261 1.55 -18.53 2.05
N THR A 262 2.85 -18.46 1.75
CA THR A 262 3.35 -18.88 0.45
C THR A 262 4.06 -20.23 0.51
N ASP A 263 4.22 -20.80 1.70
CA ASP A 263 4.83 -22.12 1.85
C ASP A 263 4.04 -23.17 1.06
N GLY A 264 4.75 -23.89 0.18
CA GLY A 264 4.13 -24.87 -0.68
C GLY A 264 4.01 -24.42 -2.13
N LEU A 265 3.93 -23.13 -2.37
CA LEU A 265 3.97 -22.61 -3.74
C LEU A 265 5.42 -22.63 -4.27
#